data_6W6A
#
_entry.id   6W6A
#
_cell.length_a   186.780
_cell.length_b   57.470
_cell.length_c   71.770
_cell.angle_alpha   90.000
_cell.angle_beta   102.400
_cell.angle_gamma   90.000
#
_symmetry.space_group_name_H-M   'C 1 2 1'
#
loop_
_entity.id
_entity.type
_entity.pdbx_description
1 polymer "Pyridoxine 5'-phosphate synthase"
2 non-polymer 'PHOSPHATE ION'
3 water water
#
_entity_poly.entity_id   1
_entity_poly.type   'polypeptide(L)'
_entity_poly.pdbx_seq_one_letter_code
;MAHHHHHHMTQLSVNVNKIAVLRNSRGGAEPDVVRAAQACLDAGAHGITVHPRPDRRHITAEDVLALSTLTRARGVEFNI
EGNPFAPPREGYPGLLPLCAQTRPAQATLVPDGDGQITSDHGFDFERDAERLRPLVAELKAMGCRVSLFVDAGNPLLEQA
AEVGADRVELYTGPYAEAHAAGDAAAMLELFATAARRAQAMGLGVNAGHDLSQDNLRDFLAHVPDVLEVSIGHALIGEAL
YDGLDATVRGYLALL
;
_entity_poly.pdbx_strand_id   A,B
#
# COMPACT_ATOMS: atom_id res chain seq x y z
N HIS A 7 -2.82 20.97 29.44
CA HIS A 7 -4.19 21.14 29.92
C HIS A 7 -5.20 20.39 29.03
N HIS A 8 -4.72 19.77 27.95
CA HIS A 8 -5.57 19.01 27.05
C HIS A 8 -4.88 17.74 26.60
N MET A 9 -5.62 16.63 26.61
CA MET A 9 -5.09 15.34 26.17
C MET A 9 -4.78 15.39 24.68
N THR A 10 -3.55 15.07 24.31
CA THR A 10 -3.21 15.02 22.89
C THR A 10 -4.08 13.99 22.20
N GLN A 11 -4.62 14.34 21.05
CA GLN A 11 -5.53 13.44 20.35
C GLN A 11 -4.88 12.86 19.09
N LEU A 12 -5.30 11.64 18.76
CA LEU A 12 -4.75 10.88 17.66
C LEU A 12 -5.74 10.90 16.51
N SER A 13 -5.30 11.41 15.36
CA SER A 13 -6.07 11.34 14.13
C SER A 13 -5.32 10.37 13.21
N VAL A 14 -6.02 9.34 12.75
CA VAL A 14 -5.42 8.35 11.86
C VAL A 14 -5.54 8.82 10.42
N ASN A 15 -4.41 8.92 9.74
CA ASN A 15 -4.39 9.25 8.31
C ASN A 15 -4.48 7.94 7.52
N VAL A 16 -5.55 7.76 6.77
CA VAL A 16 -5.81 6.50 6.10
C VAL A 16 -5.44 6.55 4.61
N ASN A 17 -4.58 7.50 4.21
CA ASN A 17 -4.14 7.58 2.81
C ASN A 17 -3.51 6.28 2.33
N LYS A 18 -2.56 5.73 3.09
CA LYS A 18 -1.86 4.53 2.65
C LYS A 18 -2.77 3.33 2.52
N ILE A 19 -3.94 3.34 3.15
CA ILE A 19 -4.91 2.28 2.87
C ILE A 19 -5.43 2.41 1.45
N ALA A 20 -5.70 3.64 1.01
CA ALA A 20 -6.12 3.86 -0.38
C ALA A 20 -4.99 3.57 -1.35
N VAL A 21 -3.74 3.75 -0.90
CA VAL A 21 -2.58 3.36 -1.70
C VAL A 21 -2.65 1.88 -2.06
N LEU A 22 -2.97 1.04 -1.08
CA LEU A 22 -3.10 -0.39 -1.34
C LEU A 22 -4.31 -0.69 -2.24
N ARG A 23 -5.44 -0.03 -1.99
CA ARG A 23 -6.63 -0.24 -2.80
C ARG A 23 -6.43 0.15 -4.26
N ASN A 24 -6.07 1.43 -4.50
CA ASN A 24 -6.03 1.95 -5.86
C ASN A 24 -5.03 1.22 -6.74
N SER A 25 -3.94 0.72 -6.17
CA SER A 25 -2.96 -0.04 -6.95
C SER A 25 -3.60 -1.19 -7.70
N ARG A 26 -4.55 -1.88 -7.06
CA ARG A 26 -5.31 -2.96 -7.68
C ARG A 26 -6.38 -2.44 -8.61
N GLY A 27 -7.19 -1.50 -8.15
CA GLY A 27 -8.26 -0.94 -8.95
C GLY A 27 -9.62 -1.52 -8.70
N GLY A 28 -9.86 -2.10 -7.52
CA GLY A 28 -11.17 -2.61 -7.15
C GLY A 28 -11.75 -1.86 -5.98
N ALA A 29 -12.03 -2.57 -4.88
CA ALA A 29 -12.60 -1.95 -3.70
C ALA A 29 -11.89 -2.32 -2.40
N GLU A 30 -10.96 -3.32 -2.41
CA GLU A 30 -10.22 -3.83 -1.27
C GLU A 30 -8.77 -3.33 -1.28
N PRO A 31 -8.19 -2.99 -0.11
CA PRO A 31 -8.90 -3.02 1.19
C PRO A 31 -9.83 -1.82 1.30
N ASP A 32 -10.97 -1.98 1.96
CA ASP A 32 -11.93 -0.90 2.02
C ASP A 32 -11.43 0.20 2.96
N VAL A 33 -11.38 1.43 2.44
CA VAL A 33 -10.91 2.55 3.24
C VAL A 33 -11.84 2.78 4.43
N VAL A 34 -13.16 2.70 4.18
CA VAL A 34 -14.12 2.95 5.24
C VAL A 34 -14.04 1.87 6.32
N ARG A 35 -13.93 0.60 5.92
CA ARG A 35 -13.85 -0.47 6.91
C ARG A 35 -12.59 -0.33 7.76
N ALA A 36 -11.47 0.03 7.14
CA ALA A 36 -10.23 0.20 7.89
C ALA A 36 -10.31 1.38 8.85
N ALA A 37 -10.89 2.50 8.41
CA ALA A 37 -11.09 3.62 9.33
C ALA A 37 -12.01 3.21 10.48
N GLN A 38 -13.07 2.46 10.16
CA GLN A 38 -13.96 1.92 11.19
C GLN A 38 -13.22 1.11 12.24
N ALA A 39 -12.29 0.24 11.80
CA ALA A 39 -11.54 -0.56 12.76
C ALA A 39 -10.60 0.30 13.61
N CYS A 40 -10.12 1.41 13.05
CA CYS A 40 -9.28 2.33 13.82
C CYS A 40 -10.08 3.05 14.88
N LEU A 41 -11.35 3.39 14.57
CA LEU A 41 -12.19 4.10 15.53
C LEU A 41 -12.68 3.16 16.62
N ASP A 42 -12.98 1.91 16.26
CA ASP A 42 -13.33 0.90 17.24
C ASP A 42 -12.21 0.69 18.24
N ALA A 43 -10.96 0.85 17.81
CA ALA A 43 -9.82 0.70 18.71
C ALA A 43 -9.55 1.96 19.53
N GLY A 44 -10.32 3.02 19.35
CA GLY A 44 -10.19 4.19 20.18
C GLY A 44 -9.50 5.38 19.55
N ALA A 45 -9.30 5.39 18.24
CA ALA A 45 -8.70 6.55 17.60
C ALA A 45 -9.67 7.73 17.70
N HIS A 46 -9.12 8.93 17.88
CA HIS A 46 -9.97 10.07 18.12
C HIS A 46 -10.51 10.72 16.86
N GLY A 47 -9.98 10.39 15.68
CA GLY A 47 -10.49 10.97 14.45
C GLY A 47 -9.76 10.38 13.26
N ILE A 48 -10.23 10.80 12.08
CA ILE A 48 -9.68 10.34 10.80
C ILE A 48 -9.16 11.54 10.00
N THR A 49 -7.97 11.36 9.41
CA THR A 49 -7.36 12.35 8.54
C THR A 49 -7.24 11.77 7.13
N VAL A 50 -7.51 12.60 6.11
CA VAL A 50 -7.19 12.27 4.73
C VAL A 50 -6.64 13.50 4.02
N HIS A 51 -5.95 13.23 2.91
CA HIS A 51 -5.37 14.27 2.08
C HIS A 51 -5.70 13.90 0.64
N PRO A 52 -6.81 14.40 0.12
CA PRO A 52 -7.15 14.13 -1.28
C PRO A 52 -6.29 14.97 -2.21
N ARG A 53 -5.30 14.33 -2.84
CA ARG A 53 -4.42 15.03 -3.76
C ARG A 53 -5.13 15.33 -5.08
N PRO A 54 -4.74 16.39 -5.78
CA PRO A 54 -5.34 16.68 -7.09
C PRO A 54 -5.10 15.60 -8.15
N ASP A 55 -4.04 14.80 -8.04
CA ASP A 55 -3.80 13.75 -9.03
C ASP A 55 -4.47 12.42 -8.66
N ARG A 56 -5.22 12.37 -7.55
CA ARG A 56 -5.98 11.17 -7.16
C ARG A 56 -5.08 9.94 -7.00
N ARG A 57 -3.87 10.15 -6.48
CA ARG A 57 -2.96 9.02 -6.31
C ARG A 57 -3.52 7.98 -5.34
N HIS A 58 -4.14 8.41 -4.23
CA HIS A 58 -4.82 7.46 -3.36
C HIS A 58 -6.27 7.85 -3.08
N ILE A 59 -6.49 8.65 -2.03
CA ILE A 59 -7.83 9.00 -1.59
C ILE A 59 -8.53 9.86 -2.64
N THR A 60 -9.81 9.54 -2.90
CA THR A 60 -10.67 10.26 -3.84
C THR A 60 -11.71 11.08 -3.10
N ALA A 61 -12.45 11.89 -3.87
CA ALA A 61 -13.56 12.65 -3.30
C ALA A 61 -14.64 11.73 -2.73
N GLU A 62 -14.87 10.58 -3.36
CA GLU A 62 -15.87 9.65 -2.86
C GLU A 62 -15.43 9.09 -1.52
N ASP A 63 -14.13 8.85 -1.35
CA ASP A 63 -13.63 8.40 -0.06
C ASP A 63 -13.85 9.47 0.99
N VAL A 64 -13.63 10.74 0.61
CA VAL A 64 -13.83 11.84 1.53
C VAL A 64 -15.28 11.89 1.98
N LEU A 65 -16.21 11.87 1.02
CA LEU A 65 -17.63 11.87 1.36
C LEU A 65 -17.99 10.69 2.27
N ALA A 66 -17.47 9.51 1.96
CA ALA A 66 -17.80 8.32 2.75
C ALA A 66 -17.20 8.40 4.16
N LEU A 67 -15.96 8.85 4.27
CA LEU A 67 -15.36 8.97 5.60
C LEU A 67 -15.97 10.13 6.38
N SER A 68 -16.46 11.17 5.69
CA SER A 68 -17.19 12.21 6.40
C SER A 68 -18.44 11.63 7.05
N THR A 69 -19.22 10.86 6.30
CA THR A 69 -20.39 10.22 6.86
C THR A 69 -20.04 9.31 8.04
N LEU A 70 -18.92 8.59 7.94
CA LEU A 70 -18.49 7.71 9.03
C LEU A 70 -18.16 8.50 10.29
N THR A 71 -17.21 9.44 10.19
CA THR A 71 -16.82 10.23 11.36
C THR A 71 -18.01 10.95 11.98
N ARG A 72 -18.99 11.32 11.17
CA ARG A 72 -20.15 12.02 11.72
C ARG A 72 -21.00 11.05 12.53
N ALA A 73 -21.22 9.83 12.01
CA ALA A 73 -22.02 8.84 12.72
C ALA A 73 -21.37 8.37 14.02
N ARG A 74 -20.05 8.48 14.14
CA ARG A 74 -19.33 8.06 15.32
C ARG A 74 -18.91 9.23 16.20
N GLY A 75 -19.37 10.45 15.89
CA GLY A 75 -19.10 11.60 16.74
C GLY A 75 -17.64 11.95 16.91
N VAL A 76 -16.79 11.64 15.92
CA VAL A 76 -15.37 11.98 15.97
C VAL A 76 -15.07 13.03 14.91
N GLU A 77 -13.84 13.56 14.96
CA GLU A 77 -13.45 14.68 14.11
C GLU A 77 -12.84 14.21 12.78
N PHE A 78 -13.20 14.91 11.70
CA PHE A 78 -12.68 14.66 10.36
C PHE A 78 -11.71 15.79 10.01
N ASN A 79 -10.50 15.42 9.59
CA ASN A 79 -9.44 16.36 9.27
C ASN A 79 -9.04 16.16 7.80
N ILE A 80 -9.26 17.19 6.99
CA ILE A 80 -8.92 17.14 5.58
C ILE A 80 -7.68 18.00 5.36
N GLU A 81 -6.59 17.37 4.95
CA GLU A 81 -5.39 18.07 4.51
C GLU A 81 -5.53 18.37 3.02
N GLY A 82 -4.85 19.42 2.56
CA GLY A 82 -4.90 19.74 1.15
C GLY A 82 -4.35 21.12 0.87
N ASN A 83 -4.16 21.38 -0.42
CA ASN A 83 -3.72 22.68 -0.91
C ASN A 83 -4.95 23.52 -1.26
N PRO A 84 -5.23 24.60 -0.53
CA PRO A 84 -6.42 25.41 -0.85
C PRO A 84 -6.36 26.08 -2.20
N PHE A 85 -5.17 26.22 -2.79
CA PHE A 85 -4.99 26.90 -4.07
C PHE A 85 -5.22 26.00 -5.26
N ALA A 86 -5.21 24.68 -5.06
CA ALA A 86 -5.31 23.75 -6.17
C ALA A 86 -6.67 23.87 -6.84
N PRO A 87 -6.72 24.23 -8.12
CA PRO A 87 -7.99 24.29 -8.83
C PRO A 87 -8.57 22.90 -9.03
N PRO A 88 -9.88 22.82 -9.32
CA PRO A 88 -10.47 21.50 -9.56
C PRO A 88 -9.93 20.89 -10.84
N ARG A 89 -9.69 19.58 -10.78
CA ARG A 89 -9.20 18.78 -11.91
CA ARG A 89 -9.21 18.79 -11.91
C ARG A 89 -10.19 17.64 -12.18
N GLU A 90 -9.84 16.76 -13.10
CA GLU A 90 -10.64 15.58 -13.35
C GLU A 90 -10.66 14.71 -12.09
N GLY A 91 -11.87 14.42 -11.59
CA GLY A 91 -12.02 13.63 -10.39
C GLY A 91 -11.76 14.35 -9.08
N TYR A 92 -11.50 15.67 -9.10
CA TYR A 92 -11.12 16.42 -7.92
C TYR A 92 -11.82 17.78 -7.89
N PRO A 93 -12.77 17.99 -6.98
CA PRO A 93 -13.52 19.26 -6.97
C PRO A 93 -12.78 20.44 -6.39
N GLY A 94 -11.64 20.24 -5.74
CA GLY A 94 -10.95 21.27 -4.99
C GLY A 94 -11.23 21.16 -3.49
N LEU A 95 -10.27 21.64 -2.69
CA LEU A 95 -10.36 21.52 -1.24
C LEU A 95 -11.57 22.27 -0.67
N LEU A 96 -11.66 23.57 -0.95
CA LEU A 96 -12.73 24.35 -0.36
C LEU A 96 -14.12 23.87 -0.72
N PRO A 97 -14.44 23.51 -1.97
CA PRO A 97 -15.76 22.91 -2.22
C PRO A 97 -15.93 21.55 -1.56
N LEU A 98 -14.86 20.76 -1.40
CA LEU A 98 -14.99 19.53 -0.65
C LEU A 98 -15.36 19.81 0.80
N CYS A 99 -14.66 20.76 1.43
CA CYS A 99 -14.98 21.07 2.82
C CYS A 99 -16.37 21.67 2.96
N ALA A 100 -16.84 22.45 2.00
CA ALA A 100 -18.19 22.95 2.07
C ALA A 100 -19.21 21.81 2.00
N GLN A 101 -18.88 20.78 1.24
CA GLN A 101 -19.81 19.67 1.07
C GLN A 101 -19.83 18.76 2.31
N THR A 102 -18.69 18.61 2.98
CA THR A 102 -18.59 17.67 4.08
C THR A 102 -18.54 18.33 5.45
N ARG A 103 -18.18 19.61 5.53
CA ARG A 103 -18.06 20.31 6.80
C ARG A 103 -17.19 19.53 7.78
N PRO A 104 -15.89 19.37 7.52
CA PRO A 104 -15.05 18.69 8.51
C PRO A 104 -14.77 19.59 9.69
N ALA A 105 -14.44 18.97 10.81
CA ALA A 105 -14.13 19.75 12.00
C ALA A 105 -12.88 20.59 11.81
N GLN A 106 -11.89 20.03 11.10
CA GLN A 106 -10.63 20.70 10.88
C GLN A 106 -10.25 20.60 9.41
N ALA A 107 -9.60 21.66 8.92
CA ALA A 107 -9.01 21.70 7.59
C ALA A 107 -7.55 22.09 7.75
N THR A 108 -6.64 21.21 7.30
CA THR A 108 -5.21 21.46 7.42
C THR A 108 -4.67 21.84 6.04
N LEU A 109 -4.09 23.04 5.95
CA LEU A 109 -3.69 23.59 4.67
C LEU A 109 -2.19 23.41 4.45
N VAL A 110 -1.82 22.87 3.29
CA VAL A 110 -0.42 22.63 2.94
C VAL A 110 -0.05 23.35 1.64
N PRO A 111 1.21 23.74 1.47
CA PRO A 111 1.62 24.41 0.22
C PRO A 111 1.82 23.45 -0.94
N ASP A 112 1.98 22.17 -0.66
CA ASP A 112 2.25 21.08 -1.61
C ASP A 112 1.83 21.36 -3.05
N GLY A 113 2.79 21.35 -3.97
CA GLY A 113 2.49 21.44 -5.38
C GLY A 113 2.08 20.09 -5.95
N ASP A 114 1.73 20.11 -7.23
CA ASP A 114 1.32 18.88 -7.90
C ASP A 114 2.52 17.99 -8.14
N GLY A 115 2.40 16.72 -7.76
CA GLY A 115 3.44 15.75 -7.99
C GLY A 115 4.47 15.61 -6.89
N GLN A 116 4.29 16.29 -5.76
CA GLN A 116 5.15 16.07 -4.61
C GLN A 116 4.89 14.69 -4.03
N ILE A 117 5.97 13.91 -3.83
CA ILE A 117 5.84 12.58 -3.23
C ILE A 117 5.05 12.68 -1.93
N THR A 118 5.47 13.58 -1.05
CA THR A 118 4.74 13.82 0.18
C THR A 118 4.98 15.27 0.59
N SER A 119 4.33 15.68 1.67
CA SER A 119 4.52 17.02 2.23
C SER A 119 5.91 17.12 2.87
N ASP A 120 6.74 18.06 2.38
CA ASP A 120 8.08 18.22 2.91
C ASP A 120 8.41 19.66 3.29
N HIS A 121 7.43 20.56 3.30
CA HIS A 121 7.67 21.92 3.77
C HIS A 121 6.34 22.59 4.09
N GLY A 122 6.40 23.58 4.98
CA GLY A 122 5.23 24.34 5.37
C GLY A 122 5.12 25.64 4.57
N PHE A 123 4.22 26.49 5.02
CA PHE A 123 3.93 27.70 4.25
C PHE A 123 5.03 28.73 4.36
N ASP A 124 5.25 29.45 3.27
CA ASP A 124 6.10 30.65 3.24
C ASP A 124 5.17 31.84 3.40
N PHE A 125 5.09 32.38 4.61
CA PHE A 125 4.10 33.42 4.88
C PHE A 125 4.42 34.73 4.17
N GLU A 126 5.67 34.93 3.75
CA GLU A 126 6.00 36.13 2.96
C GLU A 126 5.23 36.15 1.64
N ARG A 127 5.10 34.99 1.00
CA ARG A 127 4.49 34.92 -0.33
C ARG A 127 3.02 34.55 -0.29
N ASP A 128 2.58 33.75 0.68
CA ASP A 128 1.27 33.12 0.65
C ASP A 128 0.28 33.71 1.64
N ALA A 129 0.71 34.62 2.52
CA ALA A 129 -0.17 35.04 3.62
C ALA A 129 -1.42 35.74 3.09
N GLU A 130 -1.27 36.54 2.04
CA GLU A 130 -2.43 37.31 1.57
C GLU A 130 -3.36 36.46 0.74
N ARG A 131 -2.85 35.46 0.04
CA ARG A 131 -3.77 34.53 -0.62
C ARG A 131 -4.33 33.49 0.35
N LEU A 132 -3.74 33.35 1.54
CA LEU A 132 -4.30 32.46 2.55
C LEU A 132 -5.50 33.08 3.24
N ARG A 133 -5.43 34.40 3.52
CA ARG A 133 -6.39 35.12 4.35
C ARG A 133 -7.83 34.87 3.93
N PRO A 134 -8.23 35.16 2.69
CA PRO A 134 -9.65 34.97 2.35
C PRO A 134 -10.07 33.51 2.31
N LEU A 135 -9.14 32.58 2.07
CA LEU A 135 -9.52 31.18 2.07
C LEU A 135 -9.65 30.65 3.49
N VAL A 136 -8.72 31.03 4.38
CA VAL A 136 -8.88 30.75 5.80
C VAL A 136 -10.24 31.22 6.29
N ALA A 137 -10.59 32.48 5.95
CA ALA A 137 -11.84 33.05 6.43
C ALA A 137 -13.05 32.29 5.89
N GLU A 138 -12.98 31.88 4.63
CA GLU A 138 -14.10 31.14 4.03
C GLU A 138 -14.23 29.75 4.67
N LEU A 139 -13.10 29.13 5.04
CA LEU A 139 -13.18 27.83 5.71
C LEU A 139 -13.84 27.98 7.08
N LYS A 140 -13.40 28.98 7.85
CA LYS A 140 -13.97 29.24 9.16
C LYS A 140 -15.47 29.52 9.07
N ALA A 141 -15.88 30.24 8.03
CA ALA A 141 -17.30 30.50 7.80
C ALA A 141 -18.09 29.22 7.56
N MET A 142 -17.43 28.12 7.18
CA MET A 142 -18.09 26.83 7.05
C MET A 142 -18.16 26.08 8.35
N GLY A 143 -17.45 26.54 9.37
CA GLY A 143 -17.36 25.85 10.64
C GLY A 143 -16.10 25.07 10.85
N CYS A 144 -15.12 25.21 9.98
CA CYS A 144 -13.91 24.40 10.08
C CYS A 144 -12.89 25.13 10.95
N ARG A 145 -12.34 24.41 11.91
CA ARG A 145 -11.10 24.85 12.52
C ARG A 145 -10.01 24.77 11.46
N VAL A 146 -9.16 25.79 11.38
CA VAL A 146 -8.19 25.89 10.29
C VAL A 146 -6.78 25.77 10.85
N SER A 147 -6.04 24.78 10.36
CA SER A 147 -4.66 24.56 10.75
C SER A 147 -3.74 24.77 9.56
N LEU A 148 -2.56 25.34 9.81
CA LEU A 148 -1.59 25.64 8.77
C LEU A 148 -0.32 24.82 9.00
N PHE A 149 0.07 24.07 7.98
CA PHE A 149 1.32 23.34 7.99
C PHE A 149 2.49 24.33 8.00
N VAL A 150 3.31 24.29 9.05
CA VAL A 150 4.45 25.20 9.14
C VAL A 150 5.70 24.45 9.56
N ASP A 151 6.84 24.99 9.14
CA ASP A 151 8.14 24.50 9.56
C ASP A 151 8.48 25.05 10.94
N ALA A 152 9.10 24.21 11.77
CA ALA A 152 9.41 24.63 13.12
C ALA A 152 10.40 25.81 13.14
N GLY A 153 11.19 25.95 12.09
CA GLY A 153 12.16 27.02 11.97
C GLY A 153 11.69 28.27 11.24
N ASN A 154 10.41 28.37 10.92
CA ASN A 154 9.89 29.50 10.15
C ASN A 154 10.06 30.80 10.94
N PRO A 155 10.77 31.79 10.41
CA PRO A 155 10.92 33.06 11.16
C PRO A 155 9.64 33.88 11.19
N LEU A 156 8.69 33.62 10.30
CA LEU A 156 7.41 34.30 10.27
C LEU A 156 6.27 33.42 10.79
N LEU A 157 6.59 32.46 11.66
CA LEU A 157 5.58 31.52 12.15
C LEU A 157 4.39 32.25 12.76
N GLU A 158 4.64 33.34 13.47
CA GLU A 158 3.57 34.09 14.15
C GLU A 158 2.52 34.62 13.18
N GLN A 159 2.86 34.81 11.91
CA GLN A 159 1.89 35.36 10.96
C GLN A 159 0.67 34.46 10.73
N ALA A 160 0.72 33.20 11.15
CA ALA A 160 -0.45 32.33 10.98
C ALA A 160 -1.61 32.80 11.83
N ALA A 161 -1.33 33.43 12.97
CA ALA A 161 -2.41 34.06 13.72
C ALA A 161 -2.97 35.25 12.97
N GLU A 162 -2.08 36.05 12.37
CA GLU A 162 -2.53 37.23 11.62
C GLU A 162 -3.42 36.84 10.45
N VAL A 163 -3.12 35.70 9.81
CA VAL A 163 -3.89 35.26 8.65
C VAL A 163 -5.29 34.81 9.05
N GLY A 164 -5.49 34.48 10.32
CA GLY A 164 -6.78 34.02 10.81
C GLY A 164 -6.87 32.54 11.10
N ALA A 165 -5.77 31.80 11.00
CA ALA A 165 -5.79 30.38 11.28
C ALA A 165 -5.95 30.12 12.78
N ASP A 166 -6.59 28.99 13.12
CA ASP A 166 -6.77 28.61 14.51
C ASP A 166 -5.59 27.85 15.10
N ARG A 167 -4.89 27.06 14.27
CA ARG A 167 -3.77 26.25 14.73
C ARG A 167 -2.67 26.25 13.68
N VAL A 168 -1.49 25.81 14.09
CA VAL A 168 -0.44 25.41 13.16
C VAL A 168 -0.15 23.93 13.37
N GLU A 169 0.27 23.26 12.30
CA GLU A 169 0.80 21.89 12.40
C GLU A 169 2.29 21.94 12.12
N LEU A 170 3.09 21.69 13.15
CA LEU A 170 4.54 21.62 12.99
C LEU A 170 4.90 20.38 12.17
N TYR A 171 5.64 20.58 11.08
CA TYR A 171 6.11 19.50 10.22
C TYR A 171 7.24 18.75 10.92
N THR A 172 6.98 17.51 11.35
CA THR A 172 7.89 16.78 12.22
C THR A 172 8.89 15.92 11.48
N GLY A 173 8.93 15.98 10.15
CA GLY A 173 9.92 15.28 9.36
C GLY A 173 11.33 15.36 9.89
N PRO A 174 11.89 16.57 9.99
CA PRO A 174 13.26 16.71 10.50
C PRO A 174 13.44 16.23 11.93
N TYR A 175 12.39 16.20 12.75
CA TYR A 175 12.52 15.60 14.06
C TYR A 175 12.67 14.08 13.95
N ALA A 176 11.83 13.45 13.13
CA ALA A 176 11.88 12.00 12.99
C ALA A 176 13.22 11.55 12.41
N GLU A 177 13.75 12.29 11.44
CA GLU A 177 15.06 11.98 10.88
C GLU A 177 16.17 12.10 11.93
N ALA A 178 16.09 13.11 12.80
CA ALA A 178 17.07 13.22 13.86
C ALA A 178 16.88 12.14 14.92
N HIS A 179 15.64 11.74 15.19
CA HIS A 179 15.39 10.71 16.20
C HIS A 179 15.93 9.36 15.75
N ALA A 180 15.76 9.02 14.46
CA ALA A 180 16.30 7.77 13.94
C ALA A 180 17.82 7.74 14.00
N ALA A 181 18.47 8.90 13.81
CA ALA A 181 19.92 8.99 13.91
C ALA A 181 20.41 8.95 15.35
N GLY A 182 19.52 8.94 16.33
CA GLY A 182 19.93 8.80 17.72
C GLY A 182 19.82 10.07 18.53
N ASP A 183 20.35 11.16 17.99
CA ASP A 183 20.41 12.44 18.68
C ASP A 183 19.32 13.36 18.16
N ALA A 184 18.23 13.47 18.91
CA ALA A 184 17.12 14.34 18.53
C ALA A 184 16.91 15.49 19.50
N ALA A 185 17.86 15.73 20.41
CA ALA A 185 17.69 16.76 21.42
C ALA A 185 17.57 18.14 20.78
N ALA A 186 18.51 18.48 19.88
CA ALA A 186 18.47 19.79 19.23
C ALA A 186 17.16 20.01 18.52
N MET A 187 16.66 18.97 17.84
CA MET A 187 15.37 19.11 17.15
C MET A 187 14.24 19.29 18.15
N LEU A 188 14.32 18.64 19.32
CA LEU A 188 13.24 18.73 20.27
C LEU A 188 13.12 20.14 20.85
N GLU A 189 14.25 20.77 21.14
CA GLU A 189 14.19 22.15 21.64
C GLU A 189 13.65 23.09 20.58
N LEU A 190 14.03 22.89 19.31
CA LEU A 190 13.51 23.74 18.25
C LEU A 190 12.00 23.60 18.13
N PHE A 191 11.51 22.36 18.09
CA PHE A 191 10.07 22.16 17.97
C PHE A 191 9.34 22.67 19.21
N ALA A 192 9.95 22.51 20.38
CA ALA A 192 9.36 23.08 21.59
C ALA A 192 9.28 24.61 21.48
N THR A 193 10.36 25.24 21.00
CA THR A 193 10.35 26.69 20.83
C THR A 193 9.29 27.13 19.83
N ALA A 194 9.21 26.43 18.70
CA ALA A 194 8.18 26.75 17.71
C ALA A 194 6.79 26.65 18.32
N ALA A 195 6.55 25.60 19.11
CA ALA A 195 5.24 25.44 19.75
C ALA A 195 4.93 26.62 20.67
N ARG A 196 5.91 27.04 21.46
CA ARG A 196 5.68 28.14 22.39
C ARG A 196 5.44 29.44 21.63
N ARG A 197 6.13 29.64 20.52
CA ARG A 197 5.90 30.83 19.72
C ARG A 197 4.48 30.87 19.20
N ALA A 198 3.97 29.74 18.72
CA ALA A 198 2.61 29.69 18.21
C ALA A 198 1.60 29.93 19.32
N GLN A 199 1.83 29.32 20.48
CA GLN A 199 0.87 29.39 21.58
C GLN A 199 0.79 30.81 22.16
N ALA A 200 1.89 31.56 22.08
CA ALA A 200 1.90 32.96 22.53
C ALA A 200 1.05 33.85 21.64
N MET A 201 0.58 33.36 20.49
CA MET A 201 -0.30 34.09 19.60
C MET A 201 -1.72 33.56 19.66
N GLY A 202 -2.00 32.66 20.61
CA GLY A 202 -3.32 32.05 20.68
C GLY A 202 -3.55 30.92 19.70
N LEU A 203 -2.48 30.37 19.11
CA LEU A 203 -2.59 29.27 18.17
C LEU A 203 -2.47 27.94 18.90
N GLY A 204 -3.34 27.00 18.54
CA GLY A 204 -3.13 25.62 18.94
C GLY A 204 -2.07 24.94 18.10
N VAL A 205 -1.50 23.86 18.63
CA VAL A 205 -0.36 23.19 18.02
C VAL A 205 -0.71 21.74 17.71
N ASN A 206 -0.70 21.41 16.43
CA ASN A 206 -0.76 20.04 15.93
C ASN A 206 0.62 19.63 15.43
N ALA A 207 0.77 18.34 15.15
CA ALA A 207 2.02 17.85 14.59
C ALA A 207 1.75 16.59 13.79
N GLY A 208 2.78 16.12 13.12
CA GLY A 208 2.63 14.96 12.27
C GLY A 208 3.55 15.03 11.07
N HIS A 209 3.46 13.97 10.27
CA HIS A 209 4.39 13.55 9.23
C HIS A 209 5.61 12.89 9.84
N ASP A 210 5.81 11.60 9.50
CA ASP A 210 6.93 10.77 9.95
C ASP A 210 6.91 10.50 11.45
N LEU A 211 5.81 10.76 12.14
CA LEU A 211 5.68 10.34 13.52
C LEU A 211 5.36 8.84 13.58
N SER A 212 6.02 8.13 14.49
CA SER A 212 5.87 6.69 14.58
C SER A 212 5.79 6.25 16.04
N GLN A 213 5.56 4.96 16.25
CA GLN A 213 5.58 4.46 17.62
C GLN A 213 6.96 4.55 18.25
N ASP A 214 8.02 4.72 17.47
CA ASP A 214 9.36 4.82 18.03
C ASP A 214 9.79 6.24 18.36
N ASN A 215 9.02 7.27 18.00
CA ASN A 215 9.45 8.63 18.29
C ASN A 215 8.37 9.54 18.85
N LEU A 216 7.12 9.06 18.96
CA LEU A 216 6.03 9.92 19.43
C LEU A 216 6.18 10.29 20.90
N ARG A 217 6.66 9.35 21.72
CA ARG A 217 6.69 9.56 23.16
C ARG A 217 7.60 10.72 23.52
N ASP A 218 8.84 10.70 23.01
CA ASP A 218 9.78 11.78 23.31
C ASP A 218 9.29 13.12 22.79
N PHE A 219 8.56 13.13 21.68
CA PHE A 219 8.07 14.39 21.12
C PHE A 219 7.06 15.04 22.05
N LEU A 220 6.03 14.29 22.46
CA LEU A 220 5.04 14.81 23.38
C LEU A 220 5.65 15.13 24.74
N ALA A 221 6.71 14.42 25.12
CA ALA A 221 7.32 14.68 26.42
C ALA A 221 8.00 16.05 26.47
N HIS A 222 8.47 16.57 25.32
CA HIS A 222 9.24 17.81 25.32
C HIS A 222 8.56 18.98 24.64
N VAL A 223 7.64 18.73 23.72
CA VAL A 223 6.90 19.79 23.03
C VAL A 223 5.58 19.98 23.76
N PRO A 224 5.28 21.17 24.28
CA PRO A 224 4.18 21.32 25.22
C PRO A 224 2.83 21.51 24.56
N ASP A 225 1.81 20.96 25.23
CA ASP A 225 0.40 21.19 24.90
C ASP A 225 0.09 20.89 23.43
N VAL A 226 0.72 19.85 22.89
CA VAL A 226 0.37 19.39 21.55
C VAL A 226 -1.06 18.87 21.56
N LEU A 227 -1.91 19.48 20.75
CA LEU A 227 -3.33 19.16 20.82
C LEU A 227 -3.71 17.95 20.00
N GLU A 228 -3.04 17.72 18.86
CA GLU A 228 -3.45 16.68 17.94
C GLU A 228 -2.23 16.22 17.17
N VAL A 229 -2.13 14.90 16.95
CA VAL A 229 -1.13 14.31 16.05
C VAL A 229 -1.88 13.56 14.96
N SER A 230 -1.52 13.85 13.71
CA SER A 230 -2.03 13.13 12.54
C SER A 230 -0.96 12.15 12.08
N ILE A 231 -1.22 10.85 12.23
CA ILE A 231 -0.22 9.83 11.92
C ILE A 231 -0.78 8.92 10.83
N GLY A 232 0.01 8.72 9.78
CA GLY A 232 -0.40 7.87 8.67
C GLY A 232 0.59 6.77 8.27
N HIS A 233 1.55 7.13 7.43
CA HIS A 233 2.48 6.16 6.84
C HIS A 233 3.02 5.11 7.81
N ALA A 234 3.64 5.55 8.91
CA ALA A 234 4.25 4.61 9.83
C ALA A 234 3.21 3.79 10.59
N LEU A 235 2.04 4.36 10.87
CA LEU A 235 1.00 3.59 11.53
C LEU A 235 0.49 2.47 10.62
N ILE A 236 0.30 2.75 9.33
CA ILE A 236 -0.11 1.70 8.40
C ILE A 236 0.99 0.66 8.26
N GLY A 237 2.25 1.10 8.23
CA GLY A 237 3.34 0.16 8.07
C GLY A 237 3.53 -0.74 9.28
N GLU A 238 3.35 -0.18 10.48
CA GLU A 238 3.46 -1.01 11.67
C GLU A 238 2.28 -1.97 11.78
N ALA A 239 1.11 -1.56 11.29
CA ALA A 239 -0.09 -2.39 11.31
C ALA A 239 0.05 -3.61 10.41
N LEU A 240 0.90 -3.53 9.39
CA LEU A 240 1.13 -4.70 8.55
C LEU A 240 1.62 -5.89 9.37
N TYR A 241 2.34 -5.63 10.46
CA TYR A 241 2.82 -6.68 11.33
C TYR A 241 1.84 -7.01 12.45
N ASP A 242 1.24 -5.99 13.08
CA ASP A 242 0.44 -6.23 14.28
C ASP A 242 -1.05 -6.00 14.09
N GLY A 243 -1.49 -5.44 12.96
CA GLY A 243 -2.89 -5.14 12.77
C GLY A 243 -3.25 -3.77 13.29
N LEU A 244 -4.36 -3.23 12.76
CA LEU A 244 -4.73 -1.84 13.03
C LEU A 244 -5.13 -1.65 14.48
N ASP A 245 -5.99 -2.53 14.98
CA ASP A 245 -6.48 -2.44 16.35
C ASP A 245 -5.33 -2.38 17.35
N ALA A 246 -4.44 -3.37 17.27
CA ALA A 246 -3.29 -3.39 18.18
C ALA A 246 -2.44 -2.15 17.99
N THR A 247 -2.17 -1.77 16.75
CA THR A 247 -1.30 -0.62 16.48
C THR A 247 -1.93 0.66 17.04
N VAL A 248 -3.20 0.91 16.71
CA VAL A 248 -3.89 2.10 17.21
C VAL A 248 -3.81 2.18 18.73
N ARG A 249 -4.15 1.08 19.40
CA ARG A 249 -4.08 1.06 20.85
C ARG A 249 -2.67 1.34 21.35
N GLY A 250 -1.65 0.85 20.63
CA GLY A 250 -0.28 1.20 20.97
C GLY A 250 -0.02 2.70 20.92
N TYR A 251 -0.56 3.38 19.89
CA TYR A 251 -0.41 4.83 19.80
C TYR A 251 -1.09 5.55 20.95
N LEU A 252 -2.33 5.13 21.28
CA LEU A 252 -3.06 5.76 22.38
C LEU A 252 -2.25 5.69 23.68
N ALA A 253 -1.60 4.56 23.94
CA ALA A 253 -0.81 4.44 25.15
C ALA A 253 0.38 5.37 25.19
N LEU A 254 0.78 5.91 24.04
CA LEU A 254 1.91 6.81 23.93
C LEU A 254 1.54 8.28 24.07
N LEU A 255 0.24 8.60 24.06
CA LEU A 255 -0.22 9.97 24.18
C LEU A 255 -0.06 10.46 25.62
N HIS B 4 2.10 -41.52 -14.35
CA HIS B 4 1.49 -40.23 -13.98
C HIS B 4 1.82 -39.86 -12.54
N HIS B 5 1.66 -38.59 -12.21
CA HIS B 5 2.07 -38.04 -10.92
C HIS B 5 1.19 -38.59 -9.79
N HIS B 6 1.36 -38.02 -8.59
CA HIS B 6 0.53 -38.31 -7.43
C HIS B 6 0.24 -36.98 -6.73
N HIS B 7 -0.82 -36.98 -5.91
CA HIS B 7 -1.25 -35.76 -5.26
C HIS B 7 -0.13 -35.18 -4.40
N HIS B 8 -0.11 -33.83 -4.32
CA HIS B 8 0.85 -33.08 -3.52
C HIS B 8 0.13 -31.91 -2.87
N MET B 9 0.46 -31.67 -1.60
CA MET B 9 -0.17 -30.58 -0.86
C MET B 9 0.17 -29.24 -1.49
N THR B 10 -0.88 -28.44 -1.72
CA THR B 10 -0.74 -27.10 -2.28
C THR B 10 0.17 -26.23 -1.43
N GLN B 11 1.06 -25.49 -2.09
CA GLN B 11 2.04 -24.63 -1.44
C GLN B 11 1.67 -23.17 -1.61
N LEU B 12 2.09 -22.33 -0.65
CA LEU B 12 1.76 -20.90 -0.63
C LEU B 12 2.99 -20.08 -0.93
N SER B 13 2.91 -19.24 -1.96
CA SER B 13 3.91 -18.22 -2.21
C SER B 13 3.28 -16.86 -1.94
N VAL B 14 3.91 -16.08 -1.08
CA VAL B 14 3.43 -14.73 -0.75
C VAL B 14 4.01 -13.77 -1.77
N ASN B 15 3.14 -13.02 -2.47
CA ASN B 15 3.55 -11.94 -3.37
C ASN B 15 3.63 -10.63 -2.59
N VAL B 16 4.83 -10.07 -2.51
CA VAL B 16 5.09 -8.88 -1.71
C VAL B 16 5.18 -7.61 -2.55
N ASN B 17 4.58 -7.59 -3.76
CA ASN B 17 4.61 -6.38 -4.58
C ASN B 17 4.04 -5.18 -3.83
N LYS B 18 2.87 -5.34 -3.23
CA LYS B 18 2.20 -4.22 -2.59
C LYS B 18 2.99 -3.70 -1.39
N ILE B 19 3.86 -4.50 -0.79
CA ILE B 19 4.69 -3.93 0.26
C ILE B 19 5.65 -2.90 -0.31
N ALA B 20 6.22 -3.19 -1.49
CA ALA B 20 7.06 -2.20 -2.16
C ALA B 20 6.25 -1.01 -2.65
N VAL B 21 5.00 -1.23 -3.05
CA VAL B 21 4.12 -0.14 -3.46
C VAL B 21 3.98 0.89 -2.34
N LEU B 22 3.73 0.41 -1.10
CA LEU B 22 3.66 1.31 0.04
C LEU B 22 5.00 2.00 0.28
N ARG B 23 6.11 1.28 0.14
CA ARG B 23 7.41 1.90 0.29
C ARG B 23 7.58 3.04 -0.71
N ASN B 24 7.39 2.72 -1.99
CA ASN B 24 7.65 3.69 -3.06
C ASN B 24 6.76 4.92 -2.94
N SER B 25 5.51 4.77 -2.47
CA SER B 25 4.60 5.93 -2.35
C SER B 25 5.19 7.04 -1.48
N ARG B 26 5.80 6.68 -0.35
CA ARG B 26 6.50 7.63 0.50
C ARG B 26 7.90 7.91 -0.06
N GLY B 27 8.64 6.86 -0.39
CA GLY B 27 9.94 7.00 -1.01
C GLY B 27 11.14 6.88 -0.09
N GLY B 28 10.99 6.26 1.07
CA GLY B 28 12.13 6.04 1.93
C GLY B 28 12.44 4.56 2.03
N ALA B 29 12.41 3.99 3.23
CA ALA B 29 12.79 2.61 3.40
C ALA B 29 11.74 1.75 4.09
N GLU B 30 10.67 2.36 4.66
CA GLU B 30 9.60 1.64 5.33
C GLU B 30 8.33 1.66 4.47
N PRO B 31 7.58 0.55 4.40
CA PRO B 31 7.95 -0.73 5.01
C PRO B 31 9.03 -1.48 4.22
N ASP B 32 9.87 -2.20 4.96
CA ASP B 32 10.99 -2.95 4.41
C ASP B 32 10.49 -4.21 3.68
N VAL B 33 10.89 -4.38 2.42
CA VAL B 33 10.43 -5.53 1.65
C VAL B 33 11.02 -6.84 2.17
N VAL B 34 12.32 -6.84 2.48
CA VAL B 34 12.95 -8.07 2.98
C VAL B 34 12.38 -8.45 4.34
N ARG B 35 12.21 -7.47 5.23
CA ARG B 35 11.70 -7.72 6.57
C ARG B 35 10.30 -8.32 6.50
N ALA B 36 9.46 -7.79 5.61
CA ALA B 36 8.10 -8.30 5.45
C ALA B 36 8.10 -9.71 4.90
N ALA B 37 8.96 -9.98 3.91
CA ALA B 37 9.08 -11.33 3.38
C ALA B 37 9.58 -12.30 4.44
N GLN B 38 10.56 -11.87 5.24
CA GLN B 38 11.06 -12.69 6.34
C GLN B 38 9.95 -13.10 7.28
N ALA B 39 9.05 -12.16 7.62
CA ALA B 39 7.95 -12.51 8.52
C ALA B 39 6.97 -13.47 7.86
N CYS B 40 6.85 -13.41 6.53
CA CYS B 40 6.00 -14.36 5.84
C CYS B 40 6.61 -15.76 5.83
N LEU B 41 7.94 -15.86 5.71
CA LEU B 41 8.57 -17.17 5.72
C LEU B 41 8.59 -17.74 7.14
N ASP B 42 8.77 -16.86 8.13
CA ASP B 42 8.65 -17.27 9.53
C ASP B 42 7.27 -17.82 9.83
N ALA B 43 6.24 -17.33 9.15
CA ALA B 43 4.92 -17.88 9.40
C ALA B 43 4.68 -19.19 8.66
N GLY B 44 5.65 -19.68 7.89
CA GLY B 44 5.53 -20.98 7.25
C GLY B 44 5.23 -20.95 5.77
N ALA B 45 5.30 -19.80 5.12
CA ALA B 45 5.08 -19.74 3.70
C ALA B 45 6.18 -20.50 2.97
N HIS B 46 5.81 -21.14 1.86
CA HIS B 46 6.76 -21.96 1.12
C HIS B 46 7.59 -21.14 0.14
N GLY B 47 7.24 -19.88 -0.09
CA GLY B 47 8.05 -19.08 -0.99
C GLY B 47 7.57 -17.65 -1.11
N ILE B 48 8.35 -16.88 -1.87
CA ILE B 48 8.11 -15.47 -2.13
C ILE B 48 8.01 -15.25 -3.63
N THR B 49 7.03 -14.45 -4.03
CA THR B 49 6.81 -14.06 -5.41
C THR B 49 7.01 -12.55 -5.52
N VAL B 50 7.65 -12.11 -6.62
CA VAL B 50 7.72 -10.70 -7.00
C VAL B 50 7.56 -10.57 -8.51
N HIS B 51 7.22 -9.36 -8.95
CA HIS B 51 7.07 -9.05 -10.37
C HIS B 51 7.76 -7.73 -10.64
N PRO B 52 9.05 -7.76 -11.02
CA PRO B 52 9.77 -6.51 -11.31
C PRO B 52 9.39 -5.93 -12.65
N ARG B 53 8.59 -4.88 -12.62
CA ARG B 53 8.18 -4.22 -13.84
C ARG B 53 9.35 -3.43 -14.44
N PRO B 54 9.36 -3.23 -15.76
CA PRO B 54 10.42 -2.42 -16.37
C PRO B 54 10.48 -0.98 -15.89
N ASP B 55 9.36 -0.41 -15.46
CA ASP B 55 9.32 0.98 -15.01
C ASP B 55 9.59 1.16 -13.53
N ARG B 56 9.91 0.07 -12.81
CA ARG B 56 10.26 0.14 -11.40
C ARG B 56 9.15 0.76 -10.56
N ARG B 57 7.89 0.51 -10.92
CA ARG B 57 6.78 1.09 -10.16
C ARG B 57 6.77 0.58 -8.72
N HIS B 58 7.02 -0.73 -8.51
CA HIS B 58 7.18 -1.21 -7.13
C HIS B 58 8.50 -1.95 -6.93
N ILE B 59 8.54 -3.26 -7.17
CA ILE B 59 9.73 -4.06 -6.93
C ILE B 59 10.82 -3.70 -7.94
N THR B 60 12.05 -3.55 -7.45
CA THR B 60 13.21 -3.20 -8.26
C THR B 60 14.13 -4.40 -8.46
N ALA B 61 15.13 -4.20 -9.33
CA ALA B 61 16.16 -5.22 -9.50
C ALA B 61 16.94 -5.44 -8.21
N GLU B 62 17.09 -4.38 -7.41
CA GLU B 62 17.76 -4.52 -6.12
C GLU B 62 16.94 -5.37 -5.15
N ASP B 63 15.61 -5.24 -5.19
CA ASP B 63 14.76 -6.06 -4.33
C ASP B 63 14.86 -7.53 -4.70
N VAL B 64 14.94 -7.81 -5.99
CA VAL B 64 15.03 -9.18 -6.48
C VAL B 64 16.29 -9.87 -5.94
N LEU B 65 17.45 -9.23 -6.09
CA LEU B 65 18.68 -9.82 -5.55
CA LEU B 65 18.68 -9.80 -5.55
C LEU B 65 18.57 -10.01 -4.05
N ALA B 66 18.02 -9.04 -3.33
CA ALA B 66 17.92 -9.13 -1.87
C ALA B 66 17.01 -10.27 -1.46
N LEU B 67 15.90 -10.45 -2.19
CA LEU B 67 14.98 -11.53 -1.89
C LEU B 67 15.53 -12.88 -2.34
N SER B 68 16.35 -12.89 -3.37
CA SER B 68 17.02 -14.13 -3.76
C SER B 68 17.91 -14.62 -2.64
N THR B 69 18.74 -13.72 -2.10
CA THR B 69 19.60 -14.07 -0.97
C THR B 69 18.77 -14.57 0.22
N LEU B 70 17.61 -13.94 0.47
CA LEU B 70 16.77 -14.35 1.58
C LEU B 70 16.23 -15.76 1.38
N THR B 71 15.50 -15.97 0.27
CA THR B 71 14.91 -17.28 0.01
C THR B 71 15.97 -18.38 -0.07
N ARG B 72 17.18 -18.03 -0.49
CA ARG B 72 18.24 -19.02 -0.59
C ARG B 72 18.73 -19.42 0.79
N ALA B 73 18.92 -18.45 1.68
CA ALA B 73 19.40 -18.76 3.03
C ALA B 73 18.39 -19.58 3.84
N ARG B 74 17.12 -19.53 3.47
CA ARG B 74 16.05 -20.22 4.19
C ARG B 74 15.52 -21.45 3.45
N GLY B 75 16.16 -21.84 2.35
CA GLY B 75 15.78 -23.04 1.61
C GLY B 75 14.38 -23.06 1.04
N VAL B 76 13.76 -21.90 0.79
CA VAL B 76 12.42 -21.84 0.24
C VAL B 76 12.50 -21.39 -1.21
N GLU B 77 11.35 -21.41 -1.89
CA GLU B 77 11.28 -21.10 -3.31
C GLU B 77 11.06 -19.61 -3.59
N PHE B 78 11.73 -19.11 -4.62
CA PHE B 78 11.59 -17.77 -5.15
C PHE B 78 10.92 -17.83 -6.53
N ASN B 79 9.85 -17.07 -6.72
CA ASN B 79 9.10 -17.04 -7.97
C ASN B 79 9.13 -15.62 -8.54
N ILE B 80 9.74 -15.45 -9.70
CA ILE B 80 9.85 -14.14 -10.36
C ILE B 80 8.88 -14.12 -11.53
N GLU B 81 7.87 -13.24 -11.45
CA GLU B 81 7.03 -12.96 -12.60
C GLU B 81 7.62 -11.83 -13.44
N GLY B 82 7.27 -11.81 -14.72
CA GLY B 82 7.74 -10.76 -15.58
C GLY B 82 7.47 -11.07 -17.03
N ASN B 83 7.65 -10.05 -17.87
CA ASN B 83 7.48 -10.21 -19.30
C ASN B 83 8.82 -10.60 -19.91
N PRO B 84 8.97 -11.82 -20.44
CA PRO B 84 10.27 -12.23 -21.01
C PRO B 84 10.68 -11.41 -22.23
N PHE B 85 9.74 -10.73 -22.88
CA PHE B 85 10.07 -9.96 -24.08
C PHE B 85 10.59 -8.57 -23.78
N ALA B 86 10.37 -8.05 -22.58
CA ALA B 86 10.77 -6.69 -22.28
C ALA B 86 12.29 -6.59 -22.36
N PRO B 87 12.83 -5.79 -23.27
CA PRO B 87 14.28 -5.62 -23.32
C PRO B 87 14.76 -4.84 -22.11
N PRO B 88 16.04 -4.95 -21.75
CA PRO B 88 16.53 -4.15 -20.63
C PRO B 88 16.49 -2.67 -20.96
N ARG B 89 16.25 -1.86 -19.93
CA ARG B 89 16.36 -0.42 -20.01
C ARG B 89 17.08 0.04 -18.76
N GLU B 90 17.30 1.34 -18.66
CA GLU B 90 17.93 1.92 -17.47
C GLU B 90 17.17 1.51 -16.22
N GLY B 91 17.88 0.91 -15.28
CA GLY B 91 17.30 0.44 -14.03
C GLY B 91 16.57 -0.89 -14.09
N TYR B 92 16.54 -1.55 -15.25
CA TYR B 92 15.82 -2.82 -15.43
C TYR B 92 16.64 -3.77 -16.29
N PRO B 93 17.24 -4.81 -15.71
CA PRO B 93 18.10 -5.70 -16.51
C PRO B 93 17.37 -6.67 -17.42
N GLY B 94 16.06 -6.80 -17.32
CA GLY B 94 15.33 -7.80 -18.09
C GLY B 94 15.07 -9.04 -17.24
N LEU B 95 13.99 -9.76 -17.58
CA LEU B 95 13.60 -10.91 -16.78
C LEU B 95 14.67 -12.01 -16.84
N LEU B 96 15.00 -12.47 -18.04
CA LEU B 96 15.93 -13.58 -18.16
C LEU B 96 17.29 -13.30 -17.54
N PRO B 97 17.91 -12.12 -17.73
CA PRO B 97 19.17 -11.86 -17.01
C PRO B 97 18.99 -11.77 -15.51
N LEU B 98 17.81 -11.35 -15.03
CA LEU B 98 17.55 -11.39 -13.59
C LEU B 98 17.53 -12.82 -13.10
N CYS B 99 16.84 -13.70 -13.83
CA CYS B 99 16.84 -15.11 -13.48
C CYS B 99 18.23 -15.72 -13.66
N ALA B 100 19.00 -15.24 -14.64
CA ALA B 100 20.36 -15.73 -14.82
C ALA B 100 21.22 -15.40 -13.61
N GLN B 101 20.99 -14.23 -13.01
CA GLN B 101 21.75 -13.79 -11.85
C GLN B 101 21.30 -14.43 -10.55
N THR B 102 20.00 -14.70 -10.41
CA THR B 102 19.50 -15.21 -9.14
C THR B 102 19.14 -16.70 -9.16
N ARG B 103 18.91 -17.28 -10.34
CA ARG B 103 18.50 -18.67 -10.52
C ARG B 103 17.35 -19.00 -9.59
N PRO B 104 16.18 -18.39 -9.79
CA PRO B 104 15.04 -18.72 -8.92
C PRO B 104 14.48 -20.09 -9.29
N ALA B 105 13.72 -20.66 -8.34
CA ALA B 105 13.08 -21.95 -8.58
C ALA B 105 12.06 -21.84 -9.70
N GLN B 106 11.34 -20.73 -9.79
CA GLN B 106 10.29 -20.61 -10.79
C GLN B 106 10.36 -19.23 -11.45
N ALA B 107 10.04 -19.19 -12.75
CA ALA B 107 9.86 -17.97 -13.51
C ALA B 107 8.49 -18.00 -14.15
N THR B 108 7.64 -17.05 -13.81
CA THR B 108 6.27 -16.99 -14.31
C THR B 108 6.22 -15.92 -15.39
N LEU B 109 5.86 -16.30 -16.60
CA LEU B 109 5.95 -15.43 -17.76
C LEU B 109 4.57 -14.86 -18.04
N VAL B 110 4.49 -13.53 -18.14
CA VAL B 110 3.23 -12.82 -18.38
C VAL B 110 3.39 -12.05 -19.68
N PRO B 111 2.30 -11.78 -20.41
CA PRO B 111 2.43 -11.09 -21.70
C PRO B 111 2.67 -9.58 -21.64
N ASP B 112 2.33 -8.89 -20.54
CA ASP B 112 2.53 -7.43 -20.51
C ASP B 112 3.44 -6.98 -19.37
N SER B 119 -1.69 -7.66 -14.45
CA SER B 119 -1.94 -8.90 -15.17
C SER B 119 -3.44 -9.17 -15.29
N ASP B 120 -3.96 -9.17 -16.52
CA ASP B 120 -5.39 -9.40 -16.74
C ASP B 120 -5.67 -10.37 -17.89
N HIS B 121 -4.66 -11.01 -18.47
CA HIS B 121 -4.85 -11.98 -19.56
C HIS B 121 -3.57 -12.78 -19.77
N GLY B 122 -3.72 -13.92 -20.46
CA GLY B 122 -2.60 -14.77 -20.78
C GLY B 122 -2.08 -14.60 -22.21
N PHE B 123 -1.21 -15.52 -22.59
CA PHE B 123 -0.49 -15.44 -23.87
C PHE B 123 -1.41 -15.76 -25.04
N ASP B 124 -1.14 -15.14 -26.19
CA ASP B 124 -1.78 -15.50 -27.46
C ASP B 124 -0.81 -16.45 -28.17
N PHE B 125 -1.06 -17.75 -28.03
CA PHE B 125 -0.09 -18.74 -28.51
C PHE B 125 0.00 -18.76 -30.03
N GLU B 126 -1.04 -18.31 -30.74
CA GLU B 126 -0.91 -18.14 -32.18
C GLU B 126 0.14 -17.10 -32.53
N ARG B 127 0.25 -16.05 -31.70
CA ARG B 127 1.09 -14.90 -32.00
C ARG B 127 2.48 -14.98 -31.37
N ASP B 128 2.61 -15.52 -30.17
CA ASP B 128 3.84 -15.36 -29.40
C ASP B 128 4.64 -16.63 -29.20
N ALA B 129 4.16 -17.79 -29.66
CA ALA B 129 4.79 -19.06 -29.31
C ALA B 129 6.23 -19.17 -29.81
N GLU B 130 6.53 -18.63 -30.99
CA GLU B 130 7.85 -18.85 -31.57
C GLU B 130 8.93 -17.95 -30.98
N ARG B 131 8.63 -16.71 -30.58
CA ARG B 131 9.67 -15.99 -29.87
C ARG B 131 9.69 -16.34 -28.38
N LEU B 132 8.68 -17.06 -27.92
CA LEU B 132 8.65 -17.58 -26.56
C LEU B 132 9.55 -18.82 -26.42
N ARG B 133 9.56 -19.68 -27.44
CA ARG B 133 10.25 -20.97 -27.39
C ARG B 133 11.71 -20.88 -26.94
N PRO B 134 12.58 -20.07 -27.54
CA PRO B 134 13.98 -20.09 -27.12
C PRO B 134 14.19 -19.51 -25.72
N LEU B 135 13.27 -18.66 -25.24
CA LEU B 135 13.39 -18.06 -23.93
C LEU B 135 12.95 -19.01 -22.84
N VAL B 136 11.85 -19.73 -23.06
CA VAL B 136 11.47 -20.82 -22.17
C VAL B 136 12.64 -21.78 -22.01
N ALA B 137 13.23 -22.19 -23.14
CA ALA B 137 14.32 -23.16 -23.11
C ALA B 137 15.52 -22.61 -22.36
N GLU B 138 15.82 -21.31 -22.53
CA GLU B 138 16.96 -20.73 -21.83
C GLU B 138 16.70 -20.66 -20.33
N LEU B 139 15.46 -20.36 -19.93
CA LEU B 139 15.13 -20.29 -18.52
C LEU B 139 15.27 -21.66 -17.85
N LYS B 140 14.72 -22.71 -18.47
CA LYS B 140 14.88 -24.05 -17.91
C LYS B 140 16.34 -24.44 -17.82
N ALA B 141 17.13 -24.09 -18.85
CA ALA B 141 18.55 -24.42 -18.85
C ALA B 141 19.29 -23.78 -17.68
N MET B 142 18.71 -22.76 -17.07
CA MET B 142 19.28 -22.15 -15.88
C MET B 142 18.85 -22.85 -14.60
N GLY B 143 17.89 -23.75 -14.67
CA GLY B 143 17.34 -24.39 -13.49
C GLY B 143 15.99 -23.88 -13.06
N CYS B 144 15.33 -23.06 -13.88
CA CYS B 144 14.05 -22.47 -13.51
C CYS B 144 12.89 -23.33 -14.02
N ARG B 145 11.92 -23.59 -13.17
CA ARG B 145 10.62 -24.01 -13.66
C ARG B 145 10.00 -22.85 -14.41
N VAL B 146 9.34 -23.13 -15.52
CA VAL B 146 8.77 -22.08 -16.35
C VAL B 146 7.25 -22.24 -16.30
N SER B 147 6.56 -21.21 -15.83
CA SER B 147 5.11 -21.22 -15.77
C SER B 147 4.60 -20.11 -16.66
N LEU B 148 3.50 -20.38 -17.36
CA LEU B 148 2.91 -19.47 -18.33
C LEU B 148 1.54 -19.05 -17.84
N PHE B 149 1.34 -17.74 -17.71
CA PHE B 149 0.05 -17.15 -17.37
C PHE B 149 -0.92 -17.41 -18.51
N VAL B 150 -2.04 -18.10 -18.22
CA VAL B 150 -3.03 -18.43 -19.25
C VAL B 150 -4.43 -18.12 -18.73
N ASP B 151 -5.34 -17.83 -19.65
CA ASP B 151 -6.76 -17.71 -19.32
C ASP B 151 -7.41 -19.09 -19.30
N ALA B 152 -8.32 -19.28 -18.34
CA ALA B 152 -9.01 -20.57 -18.22
C ALA B 152 -9.86 -20.89 -19.44
N GLY B 153 -10.27 -19.87 -20.19
CA GLY B 153 -11.05 -20.07 -21.40
C GLY B 153 -10.22 -20.19 -22.66
N ASN B 154 -8.90 -20.29 -22.56
CA ASN B 154 -8.03 -20.36 -23.72
C ASN B 154 -8.28 -21.68 -24.46
N PRO B 155 -8.70 -21.63 -25.74
CA PRO B 155 -8.89 -22.89 -26.49
C PRO B 155 -7.58 -23.52 -26.93
N LEU B 156 -6.49 -22.76 -26.97
CA LEU B 156 -5.16 -23.26 -27.32
C LEU B 156 -4.27 -23.40 -26.09
N LEU B 157 -4.88 -23.59 -24.92
CA LEU B 157 -4.14 -23.66 -23.67
C LEU B 157 -3.09 -24.76 -23.69
N GLU B 158 -3.41 -25.93 -24.26
CA GLU B 158 -2.48 -27.05 -24.26
C GLU B 158 -1.17 -26.72 -24.96
N GLN B 159 -1.16 -25.70 -25.82
CA GLN B 159 0.03 -25.32 -26.57
C GLN B 159 1.18 -24.84 -25.69
N ALA B 160 0.93 -24.58 -24.40
CA ALA B 160 2.02 -24.20 -23.51
C ALA B 160 2.99 -25.36 -23.30
N ALA B 161 2.48 -26.60 -23.39
CA ALA B 161 3.35 -27.77 -23.36
C ALA B 161 4.20 -27.85 -24.61
N GLU B 162 3.62 -27.47 -25.76
CA GLU B 162 4.37 -27.48 -27.02
C GLU B 162 5.56 -26.53 -26.93
N VAL B 163 5.41 -25.41 -26.22
CA VAL B 163 6.49 -24.45 -26.08
C VAL B 163 7.58 -24.96 -25.15
N GLY B 164 7.27 -25.93 -24.29
CA GLY B 164 8.24 -26.46 -23.36
C GLY B 164 8.05 -26.01 -21.92
N ALA B 165 6.95 -25.33 -21.61
CA ALA B 165 6.73 -24.85 -20.26
C ALA B 165 6.42 -26.01 -19.32
N ASP B 166 6.83 -25.86 -18.06
CA ASP B 166 6.59 -26.89 -17.06
C ASP B 166 5.23 -26.75 -16.40
N ARG B 167 4.73 -25.52 -16.26
CA ARG B 167 3.45 -25.28 -15.62
C ARG B 167 2.69 -24.19 -16.34
N VAL B 168 1.39 -24.12 -16.05
CA VAL B 168 0.58 -22.96 -16.39
C VAL B 168 0.06 -22.38 -15.09
N GLU B 169 -0.11 -21.07 -15.06
CA GLU B 169 -0.77 -20.39 -13.95
C GLU B 169 -2.10 -19.86 -14.47
N LEU B 170 -3.19 -20.45 -13.99
CA LEU B 170 -4.52 -19.96 -14.34
C LEU B 170 -4.77 -18.59 -13.70
N TYR B 171 -5.14 -17.62 -14.54
CA TYR B 171 -5.48 -16.27 -14.08
C TYR B 171 -6.86 -16.32 -13.44
N THR B 172 -6.92 -16.17 -12.11
CA THR B 172 -8.15 -16.41 -11.36
C THR B 172 -8.98 -15.15 -11.15
N GLY B 173 -8.64 -14.04 -11.81
CA GLY B 173 -9.42 -12.83 -11.76
C GLY B 173 -10.92 -13.05 -11.93
N PRO B 174 -11.33 -13.59 -13.08
CA PRO B 174 -12.77 -13.77 -13.33
C PRO B 174 -13.46 -14.70 -12.35
N TYR B 175 -12.73 -15.63 -11.71
CA TYR B 175 -13.35 -16.44 -10.67
C TYR B 175 -13.65 -15.61 -9.43
N ALA B 176 -12.69 -14.80 -8.98
CA ALA B 176 -12.90 -14.00 -7.79
C ALA B 176 -14.01 -12.98 -7.99
N GLU B 177 -14.09 -12.39 -9.19
CA GLU B 177 -15.18 -11.47 -9.49
C GLU B 177 -16.53 -12.19 -9.44
N ALA B 178 -16.57 -13.44 -9.93
CA ALA B 178 -17.80 -14.21 -9.84
C ALA B 178 -18.08 -14.65 -8.41
N HIS B 179 -17.04 -14.90 -7.61
CA HIS B 179 -17.26 -15.35 -6.24
C HIS B 179 -17.87 -14.23 -5.40
N ALA B 180 -17.38 -13.00 -5.54
CA ALA B 180 -17.95 -11.88 -4.79
C ALA B 180 -19.40 -11.63 -5.16
N ALA B 181 -19.76 -11.80 -6.43
CA ALA B 181 -21.14 -11.64 -6.85
C ALA B 181 -22.04 -12.78 -6.41
N GLY B 182 -21.48 -13.85 -5.84
CA GLY B 182 -22.27 -14.93 -5.31
C GLY B 182 -22.27 -16.20 -6.13
N ASP B 183 -22.53 -16.09 -7.43
CA ASP B 183 -22.65 -17.27 -8.30
C ASP B 183 -21.34 -17.44 -9.04
N ALA B 184 -20.50 -18.36 -8.53
CA ALA B 184 -19.21 -18.67 -9.13
C ALA B 184 -19.16 -20.08 -9.67
N ALA B 185 -20.30 -20.77 -9.74
CA ALA B 185 -20.30 -22.16 -10.19
C ALA B 185 -19.83 -22.27 -11.63
N ALA B 186 -20.35 -21.41 -12.51
CA ALA B 186 -19.92 -21.43 -13.91
C ALA B 186 -18.42 -21.24 -14.02
N MET B 187 -17.85 -20.35 -13.20
CA MET B 187 -16.40 -20.13 -13.22
C MET B 187 -15.65 -21.34 -12.68
N LEU B 188 -16.19 -21.99 -11.65
CA LEU B 188 -15.48 -23.11 -11.05
C LEU B 188 -15.41 -24.32 -11.99
N GLU B 189 -16.49 -24.60 -12.72
CA GLU B 189 -16.44 -25.67 -13.69
C GLU B 189 -15.44 -25.35 -14.78
N LEU B 190 -15.40 -24.08 -15.21
CA LEU B 190 -14.45 -23.67 -16.24
C LEU B 190 -13.01 -23.83 -15.76
N PHE B 191 -12.71 -23.31 -14.57
CA PHE B 191 -11.35 -23.40 -14.05
C PHE B 191 -10.97 -24.84 -13.72
N ALA B 192 -11.92 -25.65 -13.27
CA ALA B 192 -11.64 -27.07 -13.08
C ALA B 192 -11.32 -27.75 -14.40
N THR B 193 -12.14 -27.48 -15.43
CA THR B 193 -11.89 -28.05 -16.75
C THR B 193 -10.54 -27.60 -17.30
N ALA B 194 -10.22 -26.31 -17.17
CA ALA B 194 -8.92 -25.83 -17.61
C ALA B 194 -7.79 -26.55 -16.89
N ALA B 195 -7.91 -26.72 -15.57
CA ALA B 195 -6.89 -27.44 -14.82
C ALA B 195 -6.72 -28.86 -15.34
N ARG B 196 -7.83 -29.54 -15.63
CA ARG B 196 -7.78 -30.93 -16.09
C ARG B 196 -7.13 -31.04 -17.46
N ARG B 197 -7.43 -30.10 -18.37
CA ARG B 197 -6.81 -30.12 -19.70
C ARG B 197 -5.30 -29.96 -19.60
N ALA B 198 -4.83 -29.05 -18.75
CA ALA B 198 -3.40 -28.84 -18.62
C ALA B 198 -2.71 -30.07 -18.07
N GLN B 199 -3.31 -30.69 -17.04
CA GLN B 199 -2.70 -31.85 -16.40
C GLN B 199 -2.64 -33.04 -17.34
N ALA B 200 -3.57 -33.13 -18.29
CA ALA B 200 -3.51 -34.17 -19.31
C ALA B 200 -2.34 -34.00 -20.26
N MET B 201 -1.65 -32.86 -20.23
CA MET B 201 -0.47 -32.62 -21.07
C MET B 201 0.84 -32.66 -20.29
N GLY B 202 0.81 -33.09 -19.03
CA GLY B 202 2.00 -33.06 -18.21
C GLY B 202 2.33 -31.71 -17.61
N LEU B 203 1.40 -30.78 -17.60
CA LEU B 203 1.63 -29.45 -17.04
C LEU B 203 1.14 -29.39 -15.60
N GLY B 204 1.97 -28.82 -14.73
CA GLY B 204 1.50 -28.45 -13.41
C GLY B 204 0.70 -27.16 -13.45
N VAL B 205 -0.15 -26.98 -12.44
CA VAL B 205 -1.12 -25.90 -12.42
C VAL B 205 -0.89 -25.04 -11.18
N ASN B 206 -0.52 -23.78 -11.40
CA ASN B 206 -0.51 -22.76 -10.36
C ASN B 206 -1.71 -21.84 -10.53
N ALA B 207 -1.96 -21.01 -9.52
CA ALA B 207 -3.04 -20.05 -9.58
C ALA B 207 -2.73 -18.90 -8.63
N GLY B 208 -3.62 -17.92 -8.60
CA GLY B 208 -3.43 -16.73 -7.80
C GLY B 208 -4.09 -15.57 -8.48
N HIS B 209 -3.72 -14.37 -8.04
N HIS B 209 -3.72 -14.37 -8.04
CA HIS B 209 -4.32 -13.11 -8.49
CA HIS B 209 -4.33 -13.11 -8.50
C HIS B 209 -5.80 -13.06 -8.09
C HIS B 209 -5.79 -13.05 -8.11
N ASP B 210 -6.12 -12.17 -7.16
CA ASP B 210 -7.46 -11.96 -6.60
C ASP B 210 -7.92 -13.15 -5.74
N LEU B 211 -7.02 -14.07 -5.40
CA LEU B 211 -7.34 -15.09 -4.42
C LEU B 211 -7.23 -14.51 -3.01
N SER B 212 -8.20 -14.85 -2.16
CA SER B 212 -8.29 -14.31 -0.80
C SER B 212 -8.69 -15.42 0.15
N GLN B 213 -8.74 -15.07 1.45
CA GLN B 213 -9.27 -15.98 2.46
C GLN B 213 -10.77 -16.21 2.31
N ASP B 214 -11.47 -15.38 1.53
CA ASP B 214 -12.91 -15.49 1.31
C ASP B 214 -13.27 -16.35 0.11
N ASN B 215 -12.30 -16.71 -0.75
CA ASN B 215 -12.62 -17.49 -1.93
C ASN B 215 -11.66 -18.64 -2.20
N LEU B 216 -10.58 -18.80 -1.43
CA LEU B 216 -9.60 -19.83 -1.74
C LEU B 216 -10.17 -21.23 -1.52
N ARG B 217 -10.98 -21.41 -0.47
CA ARG B 217 -11.45 -22.74 -0.08
C ARG B 217 -12.30 -23.36 -1.18
N ASP B 218 -13.28 -22.62 -1.69
CA ASP B 218 -14.11 -23.15 -2.77
C ASP B 218 -13.27 -23.48 -3.99
N PHE B 219 -12.19 -22.73 -4.21
CA PHE B 219 -11.35 -22.93 -5.38
C PHE B 219 -10.57 -24.25 -5.29
N LEU B 220 -9.83 -24.44 -4.20
CA LEU B 220 -9.08 -25.69 -4.03
C LEU B 220 -9.99 -26.91 -3.89
N ALA B 221 -11.19 -26.74 -3.36
CA ALA B 221 -12.11 -27.86 -3.25
C ALA B 221 -12.63 -28.32 -4.60
N HIS B 222 -12.62 -27.45 -5.62
CA HIS B 222 -13.20 -27.78 -6.90
C HIS B 222 -12.18 -27.91 -8.02
N VAL B 223 -11.04 -27.24 -7.89
CA VAL B 223 -9.96 -27.31 -8.88
C VAL B 223 -8.90 -28.27 -8.36
N PRO B 224 -8.59 -29.35 -9.08
CA PRO B 224 -7.78 -30.44 -8.52
C PRO B 224 -6.28 -30.24 -8.66
N ASP B 225 -5.54 -30.68 -7.64
CA ASP B 225 -4.07 -30.77 -7.69
C ASP B 225 -3.41 -29.44 -8.07
N VAL B 226 -3.95 -28.34 -7.57
CA VAL B 226 -3.28 -27.04 -7.70
C VAL B 226 -1.98 -27.11 -6.92
N LEU B 227 -0.86 -26.87 -7.60
CA LEU B 227 0.43 -27.11 -6.95
C LEU B 227 0.88 -25.93 -6.09
N GLU B 228 0.58 -24.71 -6.52
CA GLU B 228 1.10 -23.52 -5.85
C GLU B 228 0.14 -22.39 -6.07
N VAL B 229 -0.12 -21.61 -5.02
CA VAL B 229 -0.89 -20.39 -5.13
C VAL B 229 0.01 -19.22 -4.75
N SER B 230 0.06 -18.21 -5.63
CA SER B 230 0.74 -16.94 -5.39
C SER B 230 -0.33 -15.92 -5.03
N ILE B 231 -0.33 -15.48 -3.79
CA ILE B 231 -1.34 -14.54 -3.31
C ILE B 231 -0.62 -13.31 -2.79
N GLY B 232 -1.06 -12.12 -3.25
CA GLY B 232 -0.45 -10.86 -2.86
C GLY B 232 -1.47 -9.89 -2.29
N HIS B 233 -2.16 -9.17 -3.18
CA HIS B 233 -3.09 -8.09 -2.84
C HIS B 233 -3.97 -8.40 -1.62
N ALA B 234 -4.78 -9.45 -1.70
CA ALA B 234 -5.73 -9.75 -0.62
C ALA B 234 -5.03 -10.16 0.66
N LEU B 235 -3.87 -10.84 0.56
CA LEU B 235 -3.12 -11.20 1.77
C LEU B 235 -2.59 -9.95 2.48
N ILE B 236 -2.08 -8.98 1.71
CA ILE B 236 -1.60 -7.74 2.30
C ILE B 236 -2.76 -6.96 2.91
N GLY B 237 -3.89 -6.92 2.21
CA GLY B 237 -5.03 -6.17 2.72
C GLY B 237 -5.62 -6.79 3.98
N GLU B 238 -5.64 -8.11 4.06
CA GLU B 238 -6.12 -8.77 5.26
C GLU B 238 -5.13 -8.59 6.41
N ALA B 239 -3.84 -8.51 6.09
CA ALA B 239 -2.83 -8.35 7.14
C ALA B 239 -2.94 -7.01 7.84
N LEU B 240 -3.50 -5.99 7.17
CA LEU B 240 -3.76 -4.71 7.83
C LEU B 240 -4.61 -4.88 9.07
N TYR B 241 -5.51 -5.86 9.07
CA TYR B 241 -6.37 -6.10 10.22
C TYR B 241 -5.76 -7.06 11.23
N ASP B 242 -5.17 -8.16 10.77
CA ASP B 242 -4.74 -9.23 11.66
C ASP B 242 -3.23 -9.43 11.75
N GLY B 243 -2.45 -8.73 10.94
CA GLY B 243 -1.01 -8.90 10.93
C GLY B 243 -0.55 -9.95 9.92
N LEU B 244 0.72 -9.85 9.53
CA LEU B 244 1.24 -10.77 8.52
C LEU B 244 1.33 -12.20 9.06
N ASP B 245 1.84 -12.34 10.29
CA ASP B 245 1.97 -13.67 10.86
C ASP B 245 0.64 -14.42 10.87
N ALA B 246 -0.40 -13.80 11.44
CA ALA B 246 -1.70 -14.46 11.48
C ALA B 246 -2.23 -14.75 10.09
N THR B 247 -2.11 -13.77 9.18
CA THR B 247 -2.70 -13.92 7.86
C THR B 247 -2.12 -15.11 7.11
N VAL B 248 -0.78 -15.20 7.06
CA VAL B 248 -0.14 -16.32 6.39
C VAL B 248 -0.59 -17.66 7.00
N ARG B 249 -0.54 -17.77 8.33
CA ARG B 249 -0.98 -19.00 8.99
C ARG B 249 -2.44 -19.31 8.67
N GLY B 250 -3.27 -18.27 8.54
CA GLY B 250 -4.64 -18.49 8.07
C GLY B 250 -4.67 -19.10 6.68
N TYR B 251 -3.84 -18.60 5.77
CA TYR B 251 -3.80 -19.19 4.42
C TYR B 251 -3.30 -20.62 4.48
N LEU B 252 -2.22 -20.86 5.23
CA LEU B 252 -1.66 -22.20 5.37
C LEU B 252 -2.71 -23.19 5.86
N ALA B 253 -3.52 -22.78 6.85
CA ALA B 253 -4.55 -23.67 7.38
C ALA B 253 -5.61 -24.04 6.35
N LEU B 254 -5.68 -23.32 5.22
CA LEU B 254 -6.63 -23.64 4.16
C LEU B 254 -6.04 -24.55 3.11
N LEU B 255 -4.72 -24.68 3.07
CA LEU B 255 -4.05 -25.57 2.12
C LEU B 255 -4.10 -27.02 2.61
#